data_9EGW
#
_entry.id   9EGW
#
_cell.length_a   96.063
_cell.length_b   96.063
_cell.length_c   187.434
_cell.angle_alpha   90.000
_cell.angle_beta   90.000
_cell.angle_gamma   90.000
#
_symmetry.space_group_name_H-M   'I 41 2 2'
#
loop_
_entity.id
_entity.type
_entity.pdbx_description
1 polymer 'RanBP-type and C3HC4-type zinc finger-containing protein 1'
2 polymer Polyubiquitin-C
3 non-polymer 'ZINC ION'
4 non-polymer 'CHLORIDE ION'
5 non-polymer 'SULFATE ION'
6 water water
#
loop_
_entity_poly.entity_id
_entity_poly.type
_entity_poly.pdbx_seq_one_letter_code
_entity_poly.pdbx_strand_id
1 'polypeptide(L)'
;GPDVAARQTTEMLKVMLQQGEAMRCPQCQIVVQKKDGADWIRCTVCHTEICWVTKGPRWGPGGPGDTSGGCRCRVNGIPC
HPSCQNCH
;
A,B
2 'polypeptide(L)'
;MAHHHHHHSAAGMQIFVKTLTGKTITLEVEPSDTIENVKAKIQDKEGIPPDQQRLIFAGKQLEDGRTLSDYNIQKESTLH
LVLRLRGG
;
C
#
loop_
_chem_comp.id
_chem_comp.type
_chem_comp.name
_chem_comp.formula
CL non-polymer 'CHLORIDE ION' 'Cl -1'
SO4 non-polymer 'SULFATE ION' 'O4 S -2'
ZN non-polymer 'ZINC ION' 'Zn 2'
#
# COMPACT_ATOMS: atom_id res chain seq x y z
N ASP A 3 9.32 13.73 20.09
CA ASP A 3 8.54 12.54 20.45
C ASP A 3 7.11 12.87 20.88
N VAL A 4 6.92 14.10 21.36
CA VAL A 4 5.56 14.59 21.56
C VAL A 4 4.76 14.41 20.29
N ALA A 5 5.43 14.52 19.14
CA ALA A 5 4.78 14.28 17.87
C ALA A 5 4.12 12.91 17.85
N ALA A 6 4.90 11.86 18.14
CA ALA A 6 4.38 10.50 18.06
C ALA A 6 3.13 10.36 18.91
N ARG A 7 3.14 10.92 20.11
CA ARG A 7 1.99 10.74 20.99
C ARG A 7 0.77 11.50 20.48
N GLN A 8 0.95 12.72 19.99
CA GLN A 8 -0.18 13.43 19.37
C GLN A 8 -0.79 12.63 18.22
N THR A 9 0.02 11.94 17.42
CA THR A 9 -0.54 11.17 16.31
C THR A 9 -1.23 9.92 16.83
N THR A 10 -0.64 9.26 17.82
CA THR A 10 -1.31 8.10 18.40
C THR A 10 -2.67 8.49 18.95
N GLU A 11 -2.75 9.64 19.60
CA GLU A 11 -4.01 10.08 20.19
C GLU A 11 -5.02 10.43 19.10
N MET A 12 -4.57 11.10 18.05
CA MET A 12 -5.48 11.41 16.96
C MET A 12 -6.06 10.14 16.34
N LEU A 13 -5.23 9.15 16.13
CA LEU A 13 -5.73 7.91 15.56
C LEU A 13 -6.70 7.22 16.49
N LYS A 14 -6.40 7.23 17.79
CA LYS A 14 -7.29 6.64 18.76
C LYS A 14 -8.67 7.26 18.65
N VAL A 15 -8.73 8.58 18.49
CA VAL A 15 -9.99 9.28 18.44
C VAL A 15 -10.72 8.93 17.15
N MET A 16 -9.99 8.86 16.03
CA MET A 16 -10.58 8.43 14.78
C MET A 16 -11.19 7.05 14.88
N LEU A 17 -10.48 6.11 15.51
N LEU A 17 -10.49 6.11 15.52
CA LEU A 17 -11.01 4.76 15.65
CA LEU A 17 -11.06 4.76 15.61
C LEU A 17 -12.28 4.77 16.49
C LEU A 17 -12.29 4.74 16.52
N GLN A 18 -12.25 5.49 17.62
CA GLN A 18 -13.39 5.55 18.55
C GLN A 18 -14.61 6.17 17.91
N GLN A 19 -14.41 7.19 17.09
CA GLN A 19 -15.53 7.84 16.42
C GLN A 19 -15.96 7.11 15.16
N GLY A 20 -15.34 5.99 14.83
CA GLY A 20 -15.78 5.36 13.61
C GLY A 20 -15.34 6.03 12.34
N GLU A 21 -14.34 6.90 12.39
CA GLU A 21 -13.85 7.56 11.19
C GLU A 21 -12.74 6.81 10.52
N ALA A 22 -12.17 5.84 11.22
CA ALA A 22 -11.13 5.03 10.64
C ALA A 22 -11.18 3.68 11.28
N MET A 23 -10.53 2.73 10.60
CA MET A 23 -10.31 1.41 11.15
C MET A 23 -9.02 0.85 10.55
N ARG A 24 -8.57 -0.29 11.10
CA ARG A 24 -7.49 -1.04 10.48
C ARG A 24 -8.05 -2.05 9.48
N CYS A 25 -7.43 -2.12 8.30
CA CYS A 25 -7.81 -3.15 7.37
C CYS A 25 -7.62 -4.51 8.06
N PRO A 26 -8.62 -5.38 8.03
CA PRO A 26 -8.51 -6.61 8.83
C PRO A 26 -7.53 -7.59 8.26
N GLN A 27 -7.14 -7.43 6.98
CA GLN A 27 -6.15 -8.34 6.39
C GLN A 27 -4.72 -7.80 6.48
N CYS A 28 -4.48 -6.54 6.08
CA CYS A 28 -3.11 -6.00 6.04
C CYS A 28 -2.79 -5.00 7.13
N GLN A 29 -3.77 -4.52 7.86
CA GLN A 29 -3.60 -3.68 9.04
C GLN A 29 -3.15 -2.27 8.76
N ILE A 30 -3.27 -1.79 7.53
CA ILE A 30 -3.15 -0.35 7.30
C ILE A 30 -4.41 0.37 7.79
N VAL A 31 -4.24 1.63 8.22
CA VAL A 31 -5.40 2.44 8.65
C VAL A 31 -6.12 2.95 7.40
N VAL A 32 -7.45 2.73 7.35
CA VAL A 32 -8.30 3.18 6.24
C VAL A 32 -9.43 4.08 6.75
N GLN A 33 -9.80 5.07 5.96
CA GLN A 33 -11.00 5.93 6.15
C GLN A 33 -11.94 5.82 4.95
N LYS A 34 -13.25 6.00 5.14
CA LYS A 34 -14.19 5.92 4.06
C LYS A 34 -14.65 7.34 3.77
N LYS A 35 -14.56 7.72 2.52
CA LYS A 35 -15.05 9.01 2.01
C LYS A 35 -16.30 8.71 1.19
N ASP A 36 -17.47 9.05 1.70
CA ASP A 36 -18.71 8.95 0.93
C ASP A 36 -19.10 7.53 0.53
N GLY A 37 -20.16 7.43 -0.28
CA GLY A 37 -20.56 6.15 -0.84
C GLY A 37 -21.27 5.26 0.17
N ALA A 38 -21.34 3.98 -0.19
CA ALA A 38 -22.10 3.00 0.56
C ALA A 38 -21.33 2.45 1.78
N ASP A 39 -21.79 1.33 2.34
CA ASP A 39 -21.32 0.80 3.61
C ASP A 39 -20.11 -0.13 3.49
N TRP A 40 -19.34 -0.02 2.42
CA TRP A 40 -18.22 -0.90 2.22
C TRP A 40 -17.14 -0.18 1.43
N ILE A 41 -15.90 -0.68 1.57
CA ILE A 41 -14.77 -0.18 0.81
C ILE A 41 -13.91 -1.37 0.45
N ARG A 42 -13.06 -1.19 -0.56
CA ARG A 42 -12.04 -2.20 -0.89
C ARG A 42 -10.63 -1.66 -0.59
N CYS A 43 -9.86 -2.39 0.21
CA CYS A 43 -8.52 -1.95 0.55
C CYS A 43 -7.63 -1.89 -0.69
N THR A 44 -6.95 -0.75 -0.86
CA THR A 44 -6.05 -0.59 -2.00
C THR A 44 -4.84 -1.49 -1.93
N VAL A 45 -4.36 -1.76 -0.74
CA VAL A 45 -3.12 -2.52 -0.59
C VAL A 45 -3.35 -3.98 -0.90
N CYS A 46 -4.37 -4.57 -0.28
CA CYS A 46 -4.58 -6.00 -0.36
C CYS A 46 -5.88 -6.45 -1.02
N HIS A 47 -6.75 -5.54 -1.41
CA HIS A 47 -7.97 -5.81 -2.17
C HIS A 47 -9.05 -6.49 -1.34
N THR A 48 -8.91 -6.51 -0.02
CA THR A 48 -9.94 -7.06 0.84
C THR A 48 -11.14 -6.14 0.84
N GLU A 49 -12.31 -6.77 0.78
CA GLU A 49 -13.56 -6.01 0.91
C GLU A 49 -13.89 -5.85 2.39
N ILE A 50 -14.19 -4.63 2.80
CA ILE A 50 -14.39 -4.29 4.20
C ILE A 50 -15.82 -3.79 4.38
N CYS A 51 -16.51 -4.37 5.35
CA CYS A 51 -17.84 -3.92 5.74
C CYS A 51 -17.68 -2.74 6.69
N TRP A 52 -18.01 -1.53 6.23
CA TRP A 52 -17.78 -0.36 7.08
C TRP A 52 -18.78 -0.30 8.22
N VAL A 53 -20.04 -0.75 7.98
CA VAL A 53 -21.03 -0.52 9.02
C VAL A 53 -20.78 -1.42 10.22
N THR A 54 -20.13 -2.58 10.05
CA THR A 54 -19.71 -3.41 11.20
C THR A 54 -18.20 -3.28 11.51
N LYS A 55 -17.45 -2.49 10.73
CA LYS A 55 -16.02 -2.28 10.90
C LYS A 55 -15.29 -3.61 10.93
N GLY A 56 -15.54 -4.43 9.92
CA GLY A 56 -14.86 -5.73 9.86
C GLY A 56 -14.89 -6.24 8.44
N PRO A 57 -14.35 -7.45 8.25
CA PRO A 57 -14.29 -8.01 6.90
C PRO A 57 -15.68 -8.31 6.36
N ARG A 58 -15.87 -8.10 5.05
CA ARG A 58 -17.14 -8.46 4.43
C ARG A 58 -17.29 -9.97 4.26
N TRP A 59 -16.16 -10.65 4.02
CA TRP A 59 -16.16 -12.06 3.67
C TRP A 59 -15.14 -12.84 4.49
N GLY A 60 -15.24 -14.17 4.39
CA GLY A 60 -14.26 -15.08 4.95
C GLY A 60 -13.03 -15.20 4.06
N PRO A 61 -12.15 -16.12 4.41
CA PRO A 61 -10.86 -16.19 3.71
C PRO A 61 -10.94 -16.66 2.25
N GLY A 62 -12.04 -17.20 1.80
CA GLY A 62 -12.23 -17.51 0.40
C GLY A 62 -12.54 -16.35 -0.50
N GLY A 63 -12.68 -15.15 0.08
CA GLY A 63 -12.91 -13.96 -0.70
C GLY A 63 -14.42 -13.75 -0.96
N PRO A 64 -14.75 -12.87 -1.91
CA PRO A 64 -16.15 -12.54 -2.18
C PRO A 64 -16.98 -13.80 -2.46
N GLY A 65 -18.12 -13.90 -1.78
CA GLY A 65 -18.96 -15.07 -1.78
C GLY A 65 -18.80 -15.95 -0.55
N ASP A 66 -17.65 -15.89 0.12
CA ASP A 66 -17.41 -16.80 1.21
C ASP A 66 -18.03 -16.24 2.49
N THR A 67 -19.20 -16.78 2.85
CA THR A 67 -19.87 -16.45 4.09
C THR A 67 -19.44 -17.32 5.28
N SER A 68 -18.34 -18.10 5.17
CA SER A 68 -17.85 -18.80 6.34
C SER A 68 -17.23 -17.84 7.34
N GLY A 69 -16.98 -16.60 6.96
CA GLY A 69 -16.59 -15.56 7.90
C GLY A 69 -17.12 -14.24 7.39
N GLY A 70 -16.71 -13.17 8.03
CA GLY A 70 -17.16 -11.85 7.67
C GLY A 70 -18.54 -11.55 8.25
N CYS A 71 -19.13 -10.46 7.76
CA CYS A 71 -20.34 -9.95 8.41
C CYS A 71 -21.62 -10.70 8.02
N ARG A 72 -21.59 -11.52 6.97
CA ARG A 72 -22.67 -12.42 6.59
C ARG A 72 -23.97 -11.67 6.35
N CYS A 73 -23.85 -10.46 5.81
CA CYS A 73 -25.03 -9.67 5.51
C CYS A 73 -26.00 -10.47 4.64
N ARG A 74 -27.25 -10.60 5.08
CA ARG A 74 -28.34 -11.21 4.36
C ARG A 74 -28.29 -12.72 4.32
N VAL A 75 -27.34 -13.37 4.98
CA VAL A 75 -27.45 -14.82 5.10
C VAL A 75 -28.71 -15.12 5.91
N ASN A 76 -29.55 -16.04 5.42
CA ASN A 76 -30.85 -16.34 6.03
C ASN A 76 -31.73 -15.11 6.08
N GLY A 77 -31.42 -14.11 5.26
CA GLY A 77 -32.27 -12.91 5.18
C GLY A 77 -32.04 -11.84 6.21
N ILE A 78 -30.97 -11.91 6.96
CA ILE A 78 -30.71 -11.04 8.11
C ILE A 78 -29.60 -10.06 7.77
N PRO A 79 -29.87 -8.76 7.74
CA PRO A 79 -28.84 -7.79 7.46
C PRO A 79 -27.78 -7.85 8.54
N CYS A 80 -26.57 -7.45 8.15
CA CYS A 80 -25.45 -7.47 9.09
C CYS A 80 -25.52 -6.43 10.19
N HIS A 81 -26.33 -5.40 10.01
CA HIS A 81 -26.47 -4.28 10.93
C HIS A 81 -27.78 -3.59 10.59
N PRO A 82 -28.52 -3.11 11.58
CA PRO A 82 -29.79 -2.44 11.29
C PRO A 82 -29.65 -1.19 10.45
N SER A 83 -28.49 -0.55 10.39
CA SER A 83 -28.34 0.64 9.58
C SER A 83 -27.72 0.36 8.20
N CYS A 84 -27.43 -0.90 7.91
CA CYS A 84 -26.82 -1.27 6.63
C CYS A 84 -27.80 -0.94 5.50
N GLN A 85 -27.34 -0.21 4.48
CA GLN A 85 -28.03 -0.01 3.21
C GLN A 85 -27.42 -0.81 2.08
N ASN A 86 -26.09 -0.97 2.07
CA ASN A 86 -25.43 -1.76 1.05
C ASN A 86 -23.98 -1.93 1.46
N CYS A 87 -23.64 -3.07 2.04
CA CYS A 87 -22.23 -3.40 2.30
C CYS A 87 -21.71 -4.42 1.31
N HIS A 88 -22.27 -4.41 0.11
CA HIS A 88 -21.89 -5.27 -0.98
C HIS A 88 -22.26 -6.73 -0.71
N THR B 9 18.81 0.09 -29.88
CA THR B 9 20.25 0.39 -29.84
C THR B 9 20.70 0.61 -28.40
N THR B 10 22.02 0.60 -28.17
CA THR B 10 22.57 0.82 -26.83
C THR B 10 22.19 2.20 -26.28
N GLU B 11 22.09 3.22 -27.14
CA GLU B 11 21.70 4.54 -26.66
C GLU B 11 20.26 4.54 -26.14
N MET B 12 19.35 3.88 -26.85
CA MET B 12 17.97 3.79 -26.35
C MET B 12 17.92 2.95 -25.07
N LEU B 13 18.73 1.91 -24.99
CA LEU B 13 18.73 1.08 -23.79
C LEU B 13 19.15 1.89 -22.58
N LYS B 14 20.13 2.77 -22.77
CA LYS B 14 20.56 3.67 -21.71
C LYS B 14 19.39 4.50 -21.18
N VAL B 15 18.54 4.98 -22.09
CA VAL B 15 17.39 5.80 -21.73
C VAL B 15 16.32 4.97 -21.03
N MET B 16 16.02 3.76 -21.53
CA MET B 16 15.04 2.90 -20.86
C MET B 16 15.44 2.64 -19.41
N LEU B 17 16.72 2.35 -19.17
CA LEU B 17 17.20 2.16 -17.81
C LEU B 17 17.02 3.43 -16.99
N GLN B 18 17.42 4.56 -17.59
CA GLN B 18 17.20 5.87 -17.00
C GLN B 18 15.74 6.09 -16.62
N GLN B 19 14.81 5.71 -17.49
N GLN B 19 14.82 5.71 -17.51
CA GLN B 19 13.39 6.00 -17.29
CA GLN B 19 13.39 6.00 -17.32
C GLN B 19 12.64 4.87 -16.59
C GLN B 19 12.65 4.87 -16.58
N GLY B 20 13.29 3.74 -16.30
CA GLY B 20 12.59 2.65 -15.63
C GLY B 20 11.79 1.70 -16.52
N GLU B 21 12.05 1.68 -17.83
CA GLU B 21 11.51 0.72 -18.79
C GLU B 21 12.41 -0.51 -18.88
N ALA B 22 13.50 -0.49 -18.13
CA ALA B 22 14.41 -1.63 -18.07
C ALA B 22 14.94 -1.64 -16.65
N MET B 23 15.52 -2.75 -16.22
CA MET B 23 16.17 -2.80 -14.92
C MET B 23 17.35 -3.74 -15.07
N ARG B 24 18.19 -3.77 -14.04
CA ARG B 24 19.26 -4.76 -13.98
C ARG B 24 18.78 -6.00 -13.23
N CYS B 25 19.14 -7.14 -13.78
CA CYS B 25 18.76 -8.39 -13.16
C CYS B 25 19.28 -8.42 -11.73
N PRO B 26 18.43 -8.76 -10.74
CA PRO B 26 18.91 -8.75 -9.35
C PRO B 26 19.98 -9.79 -9.06
N GLN B 27 20.09 -10.87 -9.82
CA GLN B 27 21.15 -11.86 -9.57
C GLN B 27 22.40 -11.58 -10.39
N CYS B 28 22.24 -11.35 -11.69
CA CYS B 28 23.39 -11.30 -12.62
C CYS B 28 23.70 -9.91 -13.14
N GLN B 29 22.84 -8.91 -12.86
CA GLN B 29 23.08 -7.49 -13.12
C GLN B 29 23.05 -7.08 -14.57
N ILE B 30 22.73 -8.00 -15.48
CA ILE B 30 22.59 -7.69 -16.92
C ILE B 30 21.29 -6.88 -17.15
N VAL B 31 21.23 -6.12 -18.26
CA VAL B 31 20.02 -5.31 -18.46
C VAL B 31 18.87 -6.19 -18.93
N VAL B 32 17.72 -6.00 -18.29
CA VAL B 32 16.48 -6.74 -18.56
C VAL B 32 15.46 -5.69 -19.01
N GLN B 33 14.91 -5.84 -20.22
CA GLN B 33 13.84 -4.93 -20.65
C GLN B 33 12.47 -5.40 -20.17
N LYS B 34 11.56 -4.43 -20.04
CA LYS B 34 10.19 -4.70 -19.62
C LYS B 34 9.50 -5.69 -20.54
N LYS B 35 8.69 -6.56 -19.96
CA LYS B 35 7.74 -7.36 -20.74
C LYS B 35 6.36 -6.72 -20.51
N ASP B 36 5.89 -5.90 -21.45
CA ASP B 36 4.63 -5.23 -21.20
C ASP B 36 3.55 -6.24 -20.82
N GLY B 37 2.71 -5.84 -19.86
CA GLY B 37 1.64 -6.65 -19.33
C GLY B 37 2.06 -7.56 -18.19
N ALA B 38 3.30 -7.99 -18.15
CA ALA B 38 3.72 -8.99 -17.18
C ALA B 38 4.28 -8.39 -15.91
N ASP B 39 3.92 -8.96 -14.76
CA ASP B 39 4.50 -8.56 -13.50
C ASP B 39 5.72 -9.38 -13.10
N TRP B 40 6.11 -10.35 -13.93
CA TRP B 40 7.19 -11.30 -13.63
C TRP B 40 7.95 -11.52 -14.91
N ILE B 41 9.24 -11.72 -14.78
CA ILE B 41 10.10 -11.98 -15.93
C ILE B 41 11.11 -12.99 -15.45
N ARG B 42 11.49 -13.89 -16.34
CA ARG B 42 12.58 -14.82 -16.07
C ARG B 42 13.78 -14.28 -16.84
N CYS B 43 14.90 -14.09 -16.15
CA CYS B 43 16.09 -13.57 -16.83
C CYS B 43 16.59 -14.53 -17.93
N THR B 44 16.92 -13.98 -19.10
N THR B 44 16.92 -13.98 -19.10
CA THR B 44 17.31 -14.86 -20.20
CA THR B 44 17.30 -14.84 -20.20
C THR B 44 18.71 -15.42 -20.02
C THR B 44 18.71 -15.41 -20.04
N VAL B 45 19.52 -14.81 -19.17
CA VAL B 45 20.93 -15.21 -18.98
C VAL B 45 21.03 -16.17 -17.80
N CYS B 46 20.65 -15.73 -16.62
CA CYS B 46 20.84 -16.54 -15.42
C CYS B 46 19.57 -17.29 -15.00
N HIS B 47 18.44 -17.05 -15.67
CA HIS B 47 17.15 -17.72 -15.46
C HIS B 47 16.53 -17.45 -14.10
N THR B 48 17.02 -16.46 -13.35
CA THR B 48 16.35 -16.13 -12.11
C THR B 48 14.98 -15.48 -12.33
N GLU B 49 14.10 -15.59 -11.35
CA GLU B 49 12.75 -15.03 -11.41
C GLU B 49 12.75 -13.61 -10.83
N ILE B 50 12.25 -12.65 -11.60
CA ILE B 50 12.27 -11.24 -11.27
C ILE B 50 10.83 -10.80 -11.06
N CYS B 51 10.60 -10.07 -9.98
CA CYS B 51 9.32 -9.38 -9.78
C CYS B 51 9.47 -7.99 -10.43
N TRP B 52 8.88 -7.84 -11.60
CA TRP B 52 9.00 -6.58 -12.31
C TRP B 52 8.20 -5.50 -11.63
N VAL B 53 7.07 -5.85 -11.00
CA VAL B 53 6.24 -4.79 -10.52
C VAL B 53 6.86 -4.12 -9.30
N THR B 54 7.68 -4.82 -8.51
CA THR B 54 8.47 -4.20 -7.45
C THR B 54 9.94 -3.98 -7.83
N LYS B 55 10.34 -4.31 -9.05
CA LYS B 55 11.73 -4.19 -9.51
C LYS B 55 12.72 -4.82 -8.53
N GLY B 56 12.50 -6.09 -8.25
CA GLY B 56 13.42 -6.82 -7.42
C GLY B 56 13.30 -8.30 -7.64
N PRO B 57 14.07 -9.07 -6.87
CA PRO B 57 14.01 -10.53 -7.00
C PRO B 57 12.65 -11.02 -6.55
N ARG B 58 12.11 -12.03 -7.24
CA ARG B 58 10.86 -12.63 -6.79
C ARG B 58 11.07 -13.45 -5.51
N TRP B 59 12.27 -14.05 -5.35
CA TRP B 59 12.52 -14.99 -4.27
C TRP B 59 13.87 -14.74 -3.61
N GLY B 60 14.05 -15.38 -2.47
CA GLY B 60 15.31 -15.41 -1.78
C GLY B 60 16.30 -16.33 -2.49
N PRO B 61 17.47 -16.53 -1.86
CA PRO B 61 18.57 -17.25 -2.54
C PRO B 61 18.32 -18.73 -2.73
N GLY B 62 17.34 -19.27 -2.02
CA GLY B 62 16.92 -20.63 -2.12
C GLY B 62 16.08 -20.96 -3.31
N GLY B 63 15.75 -19.97 -4.17
CA GLY B 63 14.96 -20.19 -5.36
C GLY B 63 13.47 -20.12 -5.14
N PRO B 64 12.70 -20.63 -6.10
CA PRO B 64 11.24 -20.51 -6.03
C PRO B 64 10.66 -21.13 -4.76
N GLY B 65 9.78 -20.38 -4.12
CA GLY B 65 9.25 -20.76 -2.84
C GLY B 65 9.94 -20.15 -1.65
N ASP B 66 11.20 -19.70 -1.81
CA ASP B 66 11.95 -19.20 -0.66
C ASP B 66 11.59 -17.75 -0.39
N THR B 67 10.67 -17.55 0.57
CA THR B 67 10.26 -16.22 0.99
C THR B 67 11.15 -15.61 2.05
N SER B 68 12.34 -16.19 2.27
CA SER B 68 13.29 -15.51 3.12
C SER B 68 13.84 -14.26 2.47
N GLY B 69 13.63 -14.07 1.18
CA GLY B 69 13.95 -12.85 0.46
C GLY B 69 12.90 -12.70 -0.64
N GLY B 70 13.11 -11.77 -1.53
CA GLY B 70 12.16 -11.48 -2.60
C GLY B 70 10.99 -10.64 -2.16
N CYS B 71 9.98 -10.59 -3.03
CA CYS B 71 8.88 -9.65 -2.80
C CYS B 71 7.81 -10.22 -1.88
N ARG B 72 7.80 -11.54 -1.66
N ARG B 72 7.82 -11.53 -1.63
CA ARG B 72 6.92 -12.20 -0.70
CA ARG B 72 6.91 -12.21 -0.70
C ARG B 72 5.45 -12.02 -1.07
C ARG B 72 5.44 -12.00 -1.07
N CYS B 73 5.15 -11.90 -2.36
CA CYS B 73 3.77 -11.76 -2.81
C CYS B 73 2.89 -12.90 -2.26
N ARG B 74 1.75 -12.54 -1.71
CA ARG B 74 0.68 -13.43 -1.23
C ARG B 74 0.99 -14.02 0.14
N VAL B 75 2.16 -13.76 0.72
CA VAL B 75 2.35 -14.21 2.09
C VAL B 75 1.38 -13.51 3.01
N ASN B 76 0.73 -14.28 3.87
CA ASN B 76 -0.34 -13.73 4.73
C ASN B 76 -1.42 -13.02 3.92
N GLY B 77 -1.60 -13.38 2.65
CA GLY B 77 -2.71 -12.80 1.92
C GLY B 77 -2.46 -11.39 1.42
N ILE B 78 -1.24 -10.92 1.47
CA ILE B 78 -0.88 -9.54 1.12
C ILE B 78 -0.13 -9.54 -0.21
N PRO B 79 -0.65 -8.90 -1.26
CA PRO B 79 0.09 -8.83 -2.53
C PRO B 79 1.36 -8.01 -2.33
N CYS B 80 2.34 -8.24 -3.22
CA CYS B 80 3.62 -7.55 -3.11
C CYS B 80 3.55 -6.06 -3.44
N HIS B 81 2.51 -5.65 -4.12
CA HIS B 81 2.33 -4.28 -4.61
C HIS B 81 0.87 -4.11 -4.96
N PRO B 82 0.26 -2.94 -4.73
CA PRO B 82 -1.17 -2.82 -5.04
C PRO B 82 -1.53 -3.07 -6.49
N SER B 83 -0.59 -2.90 -7.42
CA SER B 83 -0.85 -3.07 -8.83
C SER B 83 -0.55 -4.47 -9.32
N CYS B 84 -0.04 -5.32 -8.45
CA CYS B 84 0.36 -6.64 -8.92
C CYS B 84 -0.86 -7.43 -9.31
N GLN B 85 -0.86 -8.01 -10.51
CA GLN B 85 -1.89 -8.99 -10.83
C GLN B 85 -1.39 -10.41 -10.70
N ASN B 86 -0.16 -10.68 -11.08
CA ASN B 86 0.35 -12.02 -10.91
C ASN B 86 1.85 -11.95 -11.11
N CYS B 87 2.64 -11.99 -10.05
CA CYS B 87 4.09 -12.08 -10.23
C CYS B 87 4.64 -13.49 -9.97
N HIS B 88 3.80 -14.50 -10.17
CA HIS B 88 4.11 -15.91 -10.04
C HIS B 88 4.47 -16.25 -8.62
N MET C 13 17.85 14.67 3.03
CA MET C 13 17.58 13.99 4.33
C MET C 13 16.58 12.84 4.19
N GLN C 14 16.27 12.21 5.32
CA GLN C 14 15.39 11.06 5.36
C GLN C 14 14.25 11.28 6.34
N ILE C 15 13.07 10.76 5.97
CA ILE C 15 11.92 10.70 6.87
C ILE C 15 11.30 9.32 6.71
N PHE C 16 10.50 8.94 7.71
CA PHE C 16 9.86 7.63 7.76
C PHE C 16 8.34 7.82 7.67
N VAL C 17 7.67 6.83 7.07
CA VAL C 17 6.21 6.85 6.94
C VAL C 17 5.69 5.51 7.41
N LYS C 18 4.84 5.53 8.44
CA LYS C 18 4.20 4.33 8.93
C LYS C 18 3.06 3.94 7.99
N THR C 19 3.00 2.65 7.68
CA THR C 19 1.99 2.12 6.75
C THR C 19 1.22 1.03 7.48
N LEU C 20 1.47 -0.24 7.16
CA LEU C 20 0.84 -1.33 7.92
C LEU C 20 1.34 -1.31 9.35
N THR C 21 0.53 -1.85 10.27
CA THR C 21 0.96 -1.99 11.64
C THR C 21 2.38 -2.57 11.70
N GLY C 22 3.29 -1.82 12.31
CA GLY C 22 4.65 -2.23 12.48
C GLY C 22 5.56 -2.01 11.29
N LYS C 23 5.05 -1.56 10.15
CA LYS C 23 5.86 -1.39 8.96
C LYS C 23 6.06 0.08 8.67
N THR C 24 7.27 0.40 8.26
CA THR C 24 7.68 1.75 7.94
C THR C 24 8.43 1.73 6.62
N ILE C 25 8.23 2.77 5.80
CA ILE C 25 9.04 3.00 4.62
C ILE C 25 9.87 4.24 4.87
N THR C 26 11.02 4.31 4.20
CA THR C 26 11.91 5.46 4.25
C THR C 26 11.84 6.23 2.93
N LEU C 27 11.88 7.56 3.03
CA LEU C 27 11.75 8.44 1.88
C LEU C 27 12.93 9.41 1.85
N GLU C 28 13.31 9.79 0.63
CA GLU C 28 14.40 10.76 0.41
C GLU C 28 13.78 12.10 0.06
N VAL C 29 13.90 13.08 0.96
CA VAL C 29 13.18 14.34 0.86
C VAL C 29 14.12 15.49 1.14
N GLU C 30 13.64 16.69 0.86
CA GLU C 30 14.28 17.93 1.24
C GLU C 30 13.36 18.75 2.13
N PRO C 31 13.91 19.54 3.04
CA PRO C 31 13.06 20.41 3.87
C PRO C 31 12.06 21.24 3.07
N SER C 32 12.36 21.52 1.80
CA SER C 32 11.53 22.38 0.98
C SER C 32 10.44 21.65 0.20
N ASP C 33 10.47 20.31 0.17
CA ASP C 33 9.45 19.56 -0.57
C ASP C 33 8.05 19.84 -0.02
N THR C 34 7.08 19.87 -0.91
CA THR C 34 5.70 20.04 -0.52
C THR C 34 5.08 18.69 -0.17
N ILE C 35 3.90 18.75 0.43
CA ILE C 35 3.18 17.53 0.77
C ILE C 35 2.78 16.78 -0.50
N GLU C 36 2.36 17.50 -1.54
CA GLU C 36 2.05 16.83 -2.80
C GLU C 36 3.28 16.10 -3.35
N ASN C 37 4.46 16.71 -3.22
N ASN C 37 4.47 16.69 -3.19
CA ASN C 37 5.68 16.05 -3.66
CA ASN C 37 5.66 16.01 -3.69
C ASN C 37 5.92 14.75 -2.89
C ASN C 37 5.96 14.75 -2.88
N VAL C 38 5.75 14.80 -1.56
CA VAL C 38 5.97 13.61 -0.74
C VAL C 38 5.01 12.50 -1.17
N LYS C 39 3.72 12.84 -1.30
CA LYS C 39 2.75 11.83 -1.74
C LYS C 39 3.11 11.27 -3.12
N ALA C 40 3.81 12.05 -3.95
CA ALA C 40 4.26 11.50 -5.22
C ALA C 40 5.37 10.47 -5.01
N LYS C 41 6.26 10.71 -4.03
CA LYS C 41 7.32 9.75 -3.74
C LYS C 41 6.75 8.48 -3.16
N ILE C 42 5.68 8.61 -2.36
CA ILE C 42 4.99 7.44 -1.82
C ILE C 42 4.37 6.62 -2.95
N GLN C 43 3.74 7.30 -3.92
CA GLN C 43 3.16 6.58 -5.05
C GLN C 43 4.22 5.85 -5.85
N ASP C 44 5.36 6.52 -6.12
CA ASP C 44 6.45 5.86 -6.83
C ASP C 44 6.91 4.60 -6.10
N LYS C 45 7.05 4.67 -4.78
CA LYS C 45 7.62 3.57 -3.99
C LYS C 45 6.59 2.50 -3.59
N GLU C 46 5.32 2.85 -3.38
CA GLU C 46 4.33 1.93 -2.82
C GLU C 46 3.11 1.71 -3.70
N GLY C 47 2.92 2.50 -4.74
CA GLY C 47 1.81 2.26 -5.63
C GLY C 47 0.47 2.78 -5.17
N ILE C 48 0.43 3.71 -4.22
CA ILE C 48 -0.82 4.24 -3.69
C ILE C 48 -1.07 5.60 -4.33
N PRO C 49 -2.16 5.76 -5.07
CA PRO C 49 -2.44 7.06 -5.71
C PRO C 49 -2.44 8.20 -4.70
N PRO C 50 -1.89 9.36 -5.04
CA PRO C 50 -1.89 10.47 -4.08
C PRO C 50 -3.26 10.88 -3.59
N ASP C 51 -4.31 10.74 -4.41
CA ASP C 51 -5.64 11.14 -3.95
C ASP C 51 -6.19 10.21 -2.90
N GLN C 52 -5.56 9.06 -2.70
CA GLN C 52 -5.96 8.15 -1.65
C GLN C 52 -5.17 8.35 -0.38
N GLN C 53 -4.13 9.19 -0.41
CA GLN C 53 -3.24 9.31 0.72
C GLN C 53 -3.66 10.45 1.61
N ARG C 54 -3.69 10.22 2.91
CA ARG C 54 -3.76 11.29 3.90
C ARG C 54 -2.56 11.09 4.81
N LEU C 55 -1.71 12.13 4.90
CA LEU C 55 -0.51 12.10 5.74
C LEU C 55 -0.73 12.87 7.03
N ILE C 56 -0.22 12.33 8.13
CA ILE C 56 -0.39 12.89 9.46
C ILE C 56 0.98 13.08 10.08
N PHE C 57 1.20 14.23 10.73
CA PHE C 57 2.39 14.39 11.55
C PHE C 57 1.99 15.13 12.83
N ALA C 58 2.41 14.59 13.97
CA ALA C 58 2.19 15.25 15.25
C ALA C 58 0.71 15.59 15.44
N GLY C 59 -0.15 14.67 15.02
CA GLY C 59 -1.56 14.83 15.25
C GLY C 59 -2.30 15.71 14.28
N LYS C 60 -1.67 16.14 13.19
CA LYS C 60 -2.32 17.01 12.21
C LYS C 60 -2.27 16.38 10.82
N GLN C 61 -3.40 16.46 10.12
CA GLN C 61 -3.42 16.15 8.70
C GLN C 61 -2.64 17.21 7.94
N LEU C 62 -1.83 16.78 7.00
CA LEU C 62 -0.95 17.70 6.27
C LEU C 62 -1.62 18.13 4.98
N GLU C 63 -1.48 19.43 4.67
CA GLU C 63 -2.08 20.05 3.49
C GLU C 63 -1.13 20.00 2.31
N ASP C 64 -1.67 19.69 1.14
CA ASP C 64 -0.85 19.36 -0.01
C ASP C 64 0.12 20.48 -0.38
N GLY C 65 -0.24 21.73 -0.11
CA GLY C 65 0.54 22.85 -0.58
C GLY C 65 1.62 23.34 0.36
N ARG C 66 1.58 22.92 1.61
CA ARG C 66 2.60 23.31 2.57
C ARG C 66 3.83 22.42 2.36
N THR C 67 4.89 22.70 3.11
CA THR C 67 6.13 21.96 2.96
C THR C 67 6.54 21.36 4.29
N LEU C 68 7.46 20.39 4.21
CA LEU C 68 8.00 19.79 5.42
C LEU C 68 8.45 20.86 6.39
N SER C 69 9.01 21.97 5.86
CA SER C 69 9.45 23.08 6.71
C SER C 69 8.29 23.66 7.49
N ASP C 70 7.21 24.02 6.80
CA ASP C 70 6.06 24.63 7.46
C ASP C 70 5.60 23.79 8.65
N TYR C 71 5.63 22.46 8.51
CA TYR C 71 5.18 21.56 9.57
C TYR C 71 6.31 21.16 10.52
N ASN C 72 7.50 21.75 10.39
CA ASN C 72 8.61 21.47 11.29
C ASN C 72 8.98 19.97 11.24
N ILE C 73 8.98 19.41 10.04
CA ILE C 73 9.33 18.01 9.84
C ILE C 73 10.81 17.97 9.50
N GLN C 74 11.60 17.36 10.38
CA GLN C 74 13.04 17.31 10.27
C GLN C 74 13.51 15.89 10.00
N LYS C 75 14.82 15.72 9.98
CA LYS C 75 15.40 14.42 9.63
C LYS C 75 15.04 13.36 10.66
N GLU C 76 14.69 12.17 10.18
CA GLU C 76 14.29 11.04 10.99
C GLU C 76 12.88 11.21 11.57
N SER C 77 12.17 12.26 11.22
CA SER C 77 10.77 12.38 11.62
C SER C 77 9.97 11.21 11.05
N THR C 78 8.80 10.99 11.63
CA THR C 78 7.94 9.88 11.22
C THR C 78 6.53 10.40 10.99
N LEU C 79 6.05 10.22 9.76
CA LEU C 79 4.67 10.49 9.35
C LEU C 79 3.85 9.19 9.40
N HIS C 80 2.54 9.35 9.47
CA HIS C 80 1.65 8.20 9.42
C HIS C 80 0.77 8.33 8.19
N LEU C 81 0.79 7.29 7.35
CA LEU C 81 -0.04 7.24 6.16
C LEU C 81 -1.37 6.56 6.48
N VAL C 82 -2.45 7.23 6.10
CA VAL C 82 -3.82 6.72 6.20
C VAL C 82 -4.40 6.66 4.79
N LEU C 83 -5.11 5.59 4.46
CA LEU C 83 -5.77 5.48 3.16
C LEU C 83 -7.18 6.09 3.27
N ARG C 84 -7.49 7.00 2.37
CA ARG C 84 -8.82 7.60 2.30
C ARG C 84 -9.48 7.06 1.04
N LEU C 85 -10.47 6.21 1.20
CA LEU C 85 -11.05 5.45 0.09
C LEU C 85 -12.53 5.77 -0.10
N ARG C 86 -12.96 5.76 -1.35
CA ARG C 86 -14.37 5.98 -1.64
C ARG C 86 -15.21 4.77 -1.29
N GLY C 87 -16.36 5.02 -0.68
CA GLY C 87 -17.30 3.93 -0.49
C GLY C 87 -17.78 3.40 -1.82
N GLY C 88 -18.17 2.13 -1.84
N GLY C 88 -18.10 2.10 -1.85
CA GLY C 88 -18.71 1.51 -3.06
CA GLY C 88 -18.52 1.46 -3.09
C GLY C 88 -20.06 2.05 -3.52
C GLY C 88 -17.36 0.86 -3.87
ZN ZN D . -5.66 -4.20 3.37
ZN ZN E . -21.79 -5.98 6.35
ZN ZN F . -24.70 -5.23 5.44
CL CL G . -12.70 -9.92 0.16
ZN ZN H . 20.09 -12.59 -14.55
ZN ZN I . 6.15 -9.57 -6.63
ZN ZN J . 3.06 -9.81 -6.72
S SO4 K . 8.73 -20.68 -17.16
O1 SO4 K . 9.80 -19.75 -17.74
O2 SO4 K . 8.54 -20.66 -15.65
O3 SO4 K . 7.40 -20.22 -17.72
O4 SO4 K . 9.10 -22.07 -17.58
S SO4 L . -4.17 -14.76 -9.47
O1 SO4 L . -4.53 -15.40 -8.15
O2 SO4 L . -4.82 -15.51 -10.58
O3 SO4 L . -4.70 -13.34 -9.46
O4 SO4 L . -2.68 -14.73 -9.71
S SO4 M . 1.57 1.34 14.42
O1 SO4 M . 0.47 2.37 14.44
O2 SO4 M . 1.12 0.10 15.09
O3 SO4 M . 2.02 1.04 13.03
O4 SO4 M . 2.67 1.93 15.25
#